data_2MSU
#
_entry.id   2MSU
#
_entity_poly.entity_id   1
_entity_poly.type   'polypeptide(L)'
_entity_poly.pdbx_seq_one_letter_code
;SDKEVDEVDAALSDLEITLE
;
_entity_poly.pdbx_strand_id   A
#
# COMPACT_ATOMS: atom_id res chain seq x y z
N SER A 1 10.53 -4.23 -9.86
CA SER A 1 10.76 -4.71 -8.46
C SER A 1 9.78 -5.84 -8.15
N ASP A 2 8.50 -5.55 -8.13
CA ASP A 2 7.50 -6.61 -7.83
C ASP A 2 6.11 -6.16 -8.29
N LYS A 3 5.14 -7.03 -8.22
CA LYS A 3 3.77 -6.64 -8.67
C LYS A 3 2.77 -7.70 -8.22
N GLU A 4 3.24 -8.90 -8.07
CA GLU A 4 2.36 -10.03 -7.63
C GLU A 4 1.43 -9.52 -6.53
N VAL A 5 1.91 -9.50 -5.31
CA VAL A 5 1.07 -8.97 -4.19
C VAL A 5 1.36 -7.51 -4.06
N ASP A 6 2.23 -7.05 -4.89
CA ASP A 6 2.62 -5.62 -4.88
C ASP A 6 3.53 -5.32 -3.70
N GLU A 7 3.83 -4.08 -3.53
CA GLU A 7 4.70 -3.66 -2.42
C GLU A 7 3.87 -3.47 -1.17
N VAL A 8 4.52 -3.31 -0.05
CA VAL A 8 3.80 -3.12 1.25
C VAL A 8 4.21 -1.76 1.79
N ASP A 9 5.06 -1.13 1.08
CA ASP A 9 5.55 0.20 1.50
C ASP A 9 4.71 1.26 0.82
N ALA A 10 3.61 0.83 0.33
CA ALA A 10 2.64 1.73 -0.32
C ALA A 10 1.32 1.41 0.33
N ALA A 11 1.34 0.36 1.09
CA ALA A 11 0.14 -0.09 1.84
C ALA A 11 -0.02 0.82 3.05
N LEU A 12 1.08 1.30 3.56
CA LEU A 12 1.06 2.20 4.73
C LEU A 12 0.48 3.54 4.27
N SER A 13 0.33 3.68 2.98
CA SER A 13 -0.22 4.95 2.40
C SER A 13 -1.52 4.60 1.73
N ASP A 14 -2.04 3.50 2.14
CA ASP A 14 -3.28 2.95 1.56
C ASP A 14 -4.27 2.74 2.66
N LEU A 15 -3.91 3.26 3.76
CA LEU A 15 -4.69 3.12 4.98
C LEU A 15 -5.06 4.54 5.39
N GLU A 16 -4.07 5.29 5.65
CA GLU A 16 -4.25 6.70 6.04
C GLU A 16 -5.04 7.40 4.97
N ILE A 17 -4.82 6.96 3.80
CA ILE A 17 -5.47 7.55 2.64
C ILE A 17 -6.92 7.23 2.62
N THR A 18 -7.21 6.14 3.20
CA THR A 18 -8.60 5.60 3.23
C THR A 18 -9.18 5.64 4.64
N LEU A 19 -8.35 5.91 5.59
CA LEU A 19 -8.78 5.99 7.02
C LEU A 19 -8.72 7.45 7.39
N GLU A 20 -8.26 8.19 6.46
CA GLU A 20 -8.12 9.66 6.59
C GLU A 20 -9.34 10.23 7.34
N SER A 1 7.14 -0.04 -6.63
CA SER A 1 8.23 -0.91 -6.11
C SER A 1 8.09 -2.31 -6.70
N ASP A 2 7.73 -3.27 -5.89
CA ASP A 2 7.58 -4.66 -6.41
C ASP A 2 6.27 -4.77 -7.19
N LYS A 3 5.95 -5.94 -7.67
CA LYS A 3 4.68 -6.11 -8.44
C LYS A 3 4.39 -7.59 -8.65
N GLU A 4 5.43 -8.37 -8.67
CA GLU A 4 5.27 -9.86 -8.85
C GLU A 4 4.08 -10.32 -8.01
N VAL A 5 4.31 -10.56 -6.75
CA VAL A 5 3.20 -10.98 -5.86
C VAL A 5 2.48 -9.74 -5.42
N ASP A 6 2.77 -8.67 -6.07
CA ASP A 6 2.14 -7.36 -5.78
C ASP A 6 2.88 -6.67 -4.64
N GLU A 7 2.35 -5.57 -4.21
CA GLU A 7 2.96 -4.79 -3.12
C GLU A 7 2.04 -4.80 -1.90
N VAL A 8 2.59 -4.51 -0.76
CA VAL A 8 1.77 -4.49 0.49
C VAL A 8 2.36 -3.48 1.46
N ASP A 9 3.46 -2.94 1.10
CA ASP A 9 4.13 -1.93 1.97
C ASP A 9 3.74 -0.56 1.49
N ALA A 10 2.73 -0.54 0.72
CA ALA A 10 2.18 0.73 0.19
C ALA A 10 0.73 0.73 0.62
N ALA A 11 0.29 -0.42 1.06
CA ALA A 11 -1.09 -0.60 1.55
C ALA A 11 -1.22 0.07 2.91
N LEU A 12 -0.12 0.16 3.61
CA LEU A 12 -0.11 0.79 4.94
C LEU A 12 -0.12 2.31 4.74
N SER A 13 0.09 2.73 3.52
CA SER A 13 0.10 4.19 3.21
C SER A 13 -1.10 4.47 2.33
N ASP A 14 -1.91 3.49 2.26
CA ASP A 14 -3.15 3.52 1.44
C ASP A 14 -4.31 3.62 2.39
N LEU A 15 -3.94 3.78 3.57
CA LEU A 15 -4.83 3.85 4.69
C LEU A 15 -4.87 5.30 5.13
N GLU A 16 -3.71 5.81 5.34
CA GLU A 16 -3.55 7.20 5.76
C GLU A 16 -4.34 8.09 4.82
N ILE A 17 -4.35 7.67 3.61
CA ILE A 17 -5.05 8.41 2.55
C ILE A 17 -6.53 8.33 2.74
N THR A 18 -6.93 7.42 3.54
CA THR A 18 -8.39 7.17 3.70
C THR A 18 -8.82 7.04 5.14
N LEU A 19 -7.88 7.07 6.03
CA LEU A 19 -8.20 7.00 7.49
C LEU A 19 -8.11 8.43 7.97
N GLU A 20 -8.07 9.29 7.01
CA GLU A 20 -7.96 10.74 7.25
C GLU A 20 -9.36 11.35 7.37
N SER A 1 8.07 -1.79 -8.83
CA SER A 1 9.28 -2.63 -9.04
C SER A 1 8.91 -4.10 -8.81
N ASP A 2 8.57 -4.46 -7.61
CA ASP A 2 8.21 -5.88 -7.33
C ASP A 2 7.18 -6.35 -8.36
N LYS A 3 5.92 -6.16 -8.10
CA LYS A 3 4.85 -6.59 -9.05
C LYS A 3 4.70 -8.11 -9.01
N GLU A 4 5.75 -8.79 -8.69
CA GLU A 4 5.70 -10.28 -8.60
C GLU A 4 4.45 -10.65 -7.79
N VAL A 5 4.54 -10.58 -6.50
CA VAL A 5 3.36 -10.88 -5.64
C VAL A 5 2.72 -9.56 -5.32
N ASP A 6 3.18 -8.57 -5.99
CA ASP A 6 2.65 -7.20 -5.80
C ASP A 6 3.25 -6.58 -4.55
N GLU A 7 2.79 -5.41 -4.21
CA GLU A 7 3.30 -4.69 -3.02
C GLU A 7 2.19 -4.52 -2.00
N VAL A 8 2.56 -4.26 -0.78
CA VAL A 8 1.55 -4.08 0.31
C VAL A 8 2.09 -3.07 1.30
N ASP A 9 3.24 -2.59 1.05
CA ASP A 9 3.86 -1.60 1.96
C ASP A 9 3.47 -0.21 1.51
N ALA A 10 2.50 -0.16 0.69
CA ALA A 10 1.96 1.13 0.20
C ALA A 10 0.50 1.14 0.61
N ALA A 11 0.05 0.00 1.07
CA ALA A 11 -1.34 -0.14 1.55
C ALA A 11 -1.44 0.48 2.93
N LEU A 12 -0.39 0.40 3.67
CA LEU A 12 -0.37 0.98 5.03
C LEU A 12 -0.37 2.51 4.87
N SER A 13 -0.19 2.96 3.67
CA SER A 13 -0.17 4.43 3.37
C SER A 13 -1.35 4.72 2.50
N ASP A 14 -2.27 3.83 2.55
CA ASP A 14 -3.49 3.91 1.73
C ASP A 14 -4.68 3.84 2.62
N LEU A 15 -4.39 3.96 3.84
CA LEU A 15 -5.39 3.88 4.90
C LEU A 15 -5.36 5.22 5.62
N GLU A 16 -4.24 5.50 6.17
CA GLU A 16 -4.02 6.76 6.89
C GLU A 16 -4.33 7.91 5.98
N ILE A 17 -4.12 7.65 4.74
CA ILE A 17 -4.32 8.65 3.70
C ILE A 17 -5.78 8.86 3.43
N THR A 18 -6.50 7.88 3.77
CA THR A 18 -7.97 7.87 3.50
C THR A 18 -8.80 7.76 4.78
N LEU A 19 -8.18 7.48 5.86
CA LEU A 19 -8.89 7.36 7.16
C LEU A 19 -8.70 8.69 7.85
N GLU A 20 -8.34 9.63 7.06
CA GLU A 20 -8.06 11.01 7.51
C GLU A 20 -9.21 11.93 7.12
N SER A 1 8.91 -2.90 -11.29
CA SER A 1 8.30 -2.84 -9.93
C SER A 1 6.86 -3.36 -9.99
N ASP A 2 6.62 -4.40 -10.73
CA ASP A 2 5.24 -4.95 -10.83
C ASP A 2 4.86 -5.64 -9.52
N LYS A 3 3.66 -6.14 -9.44
CA LYS A 3 3.22 -6.82 -8.18
C LYS A 3 3.50 -8.31 -8.28
N GLU A 4 4.39 -8.74 -7.45
CA GLU A 4 4.75 -10.19 -7.35
C GLU A 4 4.06 -10.64 -6.07
N VAL A 5 4.72 -10.46 -4.97
CA VAL A 5 4.08 -10.74 -3.67
C VAL A 5 3.38 -9.46 -3.32
N ASP A 6 3.42 -8.55 -4.26
CA ASP A 6 2.80 -7.22 -4.14
C ASP A 6 3.80 -6.22 -3.57
N GLU A 7 3.35 -5.02 -3.39
CA GLU A 7 4.21 -3.94 -2.84
C GLU A 7 3.78 -3.62 -1.42
N VAL A 8 4.62 -2.94 -0.70
CA VAL A 8 4.30 -2.56 0.71
C VAL A 8 4.57 -1.09 0.87
N ASP A 9 5.04 -0.49 -0.15
CA ASP A 9 5.34 0.96 -0.13
C ASP A 9 4.16 1.71 -0.69
N ALA A 10 3.09 1.04 -0.74
CA ALA A 10 1.81 1.61 -1.21
C ALA A 10 0.80 1.22 -0.15
N ALA A 11 1.24 0.36 0.71
CA ALA A 11 0.41 -0.11 1.84
C ALA A 11 0.36 1.00 2.88
N LEU A 12 1.43 1.72 2.98
CA LEU A 12 1.51 2.84 3.94
C LEU A 12 0.56 3.94 3.47
N SER A 13 0.04 3.78 2.28
CA SER A 13 -0.91 4.78 1.72
C SER A 13 -2.23 4.08 1.51
N ASP A 14 -2.36 3.01 2.21
CA ASP A 14 -3.56 2.16 2.12
C ASP A 14 -4.14 2.01 3.48
N LEU A 15 -3.64 2.79 4.33
CA LEU A 15 -4.02 2.78 5.73
C LEU A 15 -4.61 4.15 6.02
N GLU A 16 -3.79 5.13 5.84
CA GLU A 16 -4.19 6.52 6.06
C GLU A 16 -5.38 6.82 5.20
N ILE A 17 -5.40 6.18 4.10
CA ILE A 17 -6.46 6.37 3.12
C ILE A 17 -7.74 5.78 3.60
N THR A 18 -7.59 4.81 4.42
CA THR A 18 -8.75 4.05 4.96
C THR A 18 -8.90 4.27 6.46
N LEU A 19 -7.93 4.90 7.05
CA LEU A 19 -7.95 5.19 8.51
C LEU A 19 -8.16 6.69 8.63
N GLU A 20 -8.17 7.28 7.49
CA GLU A 20 -8.37 8.74 7.35
C GLU A 20 -9.44 9.22 8.36
N SER A 1 8.20 -7.39 -11.92
CA SER A 1 8.27 -8.67 -11.16
C SER A 1 7.48 -8.52 -9.85
N ASP A 2 7.34 -7.32 -9.36
CA ASP A 2 6.58 -7.10 -8.10
C ASP A 2 5.09 -7.27 -8.37
N LYS A 3 4.27 -6.46 -7.74
CA LYS A 3 2.80 -6.52 -7.95
C LYS A 3 2.23 -7.79 -7.32
N GLU A 4 2.91 -8.87 -7.54
CA GLU A 4 2.47 -10.20 -6.98
C GLU A 4 1.79 -9.98 -5.63
N VAL A 5 2.57 -9.83 -4.60
CA VAL A 5 2.00 -9.56 -3.25
C VAL A 5 2.00 -8.08 -3.03
N ASP A 6 2.53 -7.40 -3.99
CA ASP A 6 2.59 -5.94 -3.92
C ASP A 6 3.62 -5.49 -2.89
N GLU A 7 3.69 -4.23 -2.67
CA GLU A 7 4.64 -3.65 -1.70
C GLU A 7 3.91 -3.31 -0.41
N VAL A 8 4.64 -3.05 0.64
CA VAL A 8 4.02 -2.69 1.94
C VAL A 8 4.38 -1.26 2.25
N ASP A 9 5.20 -0.72 1.42
CA ASP A 9 5.64 0.68 1.61
C ASP A 9 4.75 1.58 0.78
N ALA A 10 3.65 1.05 0.42
CA ALA A 10 2.64 1.79 -0.35
C ALA A 10 1.33 1.47 0.34
N ALA A 11 1.42 0.54 1.25
CA ALA A 11 0.27 0.12 2.06
C ALA A 11 0.05 1.17 3.13
N LEU A 12 1.13 1.74 3.60
CA LEU A 12 1.06 2.78 4.63
C LEU A 12 0.39 4.02 4.01
N SER A 13 0.20 3.97 2.73
CA SER A 13 -0.44 5.10 1.99
C SER A 13 -1.72 4.58 1.41
N ASP A 14 -2.16 3.53 1.99
CA ASP A 14 -3.37 2.83 1.52
C ASP A 14 -4.29 2.64 2.70
N LEU A 15 -3.92 3.25 3.73
CA LEU A 15 -4.62 3.18 5.00
C LEU A 15 -5.07 4.59 5.31
N GLU A 16 -4.11 5.43 5.45
CA GLU A 16 -4.36 6.85 5.74
C GLU A 16 -5.25 7.42 4.67
N ILE A 17 -5.09 6.89 3.53
CA ILE A 17 -5.83 7.33 2.37
C ILE A 17 -7.27 6.92 2.47
N THR A 18 -7.45 5.87 3.17
CA THR A 18 -8.80 5.27 3.35
C THR A 18 -9.27 5.36 4.79
N LEU A 19 -8.41 5.76 5.65
CA LEU A 19 -8.76 5.91 7.10
C LEU A 19 -8.79 7.40 7.36
N GLU A 20 -8.44 8.10 6.34
CA GLU A 20 -8.41 9.58 6.36
C GLU A 20 -9.60 10.12 7.15
N SER A 1 6.56 -5.80 -12.05
CA SER A 1 7.55 -6.74 -11.45
C SER A 1 7.66 -6.46 -9.95
N ASP A 2 6.72 -5.75 -9.39
CA ASP A 2 6.79 -5.44 -7.93
C ASP A 2 6.26 -6.63 -7.14
N LYS A 3 5.84 -7.66 -7.82
CA LYS A 3 5.30 -8.86 -7.13
C LYS A 3 6.20 -9.26 -5.98
N GLU A 4 7.47 -9.22 -6.24
CA GLU A 4 8.51 -9.58 -5.22
C GLU A 4 8.03 -9.15 -3.83
N VAL A 5 8.16 -7.89 -3.54
CA VAL A 5 7.68 -7.38 -2.21
C VAL A 5 6.24 -7.01 -2.35
N ASP A 6 5.79 -7.01 -3.55
CA ASP A 6 4.39 -6.66 -3.82
C ASP A 6 4.14 -5.18 -3.55
N GLU A 7 2.90 -4.79 -3.53
CA GLU A 7 2.52 -3.39 -3.30
C GLU A 7 1.46 -3.32 -2.21
N VAL A 8 1.40 -4.33 -1.40
CA VAL A 8 0.40 -4.36 -0.30
C VAL A 8 0.98 -3.51 0.80
N ASP A 9 2.16 -3.08 0.56
CA ASP A 9 2.89 -2.23 1.50
C ASP A 9 2.65 -0.80 1.08
N ALA A 10 1.72 -0.65 0.23
CA ALA A 10 1.31 0.67 -0.26
C ALA A 10 -0.14 0.83 0.15
N ALA A 11 -0.71 -0.26 0.59
CA ALA A 11 -2.11 -0.28 1.06
C ALA A 11 -2.16 0.34 2.44
N LEU A 12 -1.14 0.11 3.22
CA LEU A 12 -1.09 0.67 4.58
C LEU A 12 -0.92 2.18 4.44
N SER A 13 -0.66 2.63 3.25
CA SER A 13 -0.48 4.09 2.98
C SER A 13 -1.64 4.53 2.12
N ASP A 14 -2.64 3.73 2.17
CA ASP A 14 -3.86 3.95 1.35
C ASP A 14 -5.03 3.94 2.27
N LEU A 15 -4.71 4.00 3.48
CA LEU A 15 -5.67 3.96 4.57
C LEU A 15 -5.55 5.29 5.30
N GLU A 16 -4.40 5.51 5.81
CA GLU A 16 -4.10 6.75 6.53
C GLU A 16 -4.40 7.92 5.64
N ILE A 17 -4.20 7.70 4.40
CA ILE A 17 -4.38 8.72 3.39
C ILE A 17 -5.84 9.00 3.21
N THR A 18 -6.60 8.03 3.49
CA THR A 18 -8.07 8.10 3.31
C THR A 18 -8.80 8.04 4.66
N LEU A 19 -8.07 7.76 5.68
CA LEU A 19 -8.65 7.70 7.05
C LEU A 19 -8.14 8.92 7.77
N GLU A 20 -7.31 9.61 7.08
CA GLU A 20 -6.71 10.86 7.58
C GLU A 20 -7.76 11.70 8.32
N SER A 1 7.57 -7.96 -3.27
CA SER A 1 7.81 -8.12 -4.73
C SER A 1 7.56 -6.80 -5.45
N ASP A 2 8.52 -6.34 -6.21
CA ASP A 2 8.35 -5.05 -6.94
C ASP A 2 7.55 -5.27 -8.22
N LYS A 3 6.49 -4.54 -8.39
CA LYS A 3 5.66 -4.67 -9.61
C LYS A 3 5.25 -6.12 -9.83
N GLU A 4 4.75 -6.41 -11.01
CA GLU A 4 4.27 -7.75 -11.35
C GLU A 4 3.05 -8.03 -10.51
N VAL A 5 3.27 -8.10 -9.23
CA VAL A 5 2.15 -8.32 -8.26
C VAL A 5 1.92 -7.01 -7.56
N ASP A 6 2.61 -6.02 -8.01
CA ASP A 6 2.47 -4.66 -7.45
C ASP A 6 3.26 -4.53 -6.15
N GLU A 7 3.07 -3.43 -5.49
CA GLU A 7 3.79 -3.16 -4.22
C GLU A 7 2.82 -3.27 -3.05
N VAL A 8 3.34 -3.32 -1.87
CA VAL A 8 2.50 -3.42 -0.64
C VAL A 8 2.92 -2.33 0.32
N ASP A 9 3.85 -1.57 -0.12
CA ASP A 9 4.36 -0.45 0.72
C ASP A 9 3.52 0.79 0.46
N ALA A 10 2.42 0.58 -0.16
CA ALA A 10 1.48 1.67 -0.45
C ALA A 10 0.19 1.30 0.23
N ALA A 11 0.16 0.08 0.72
CA ALA A 11 -1.02 -0.44 1.43
C ALA A 11 -0.99 0.11 2.86
N LEU A 12 0.17 0.33 3.36
CA LEU A 12 0.32 0.88 4.72
C LEU A 12 -0.08 2.35 4.69
N SER A 13 -0.26 2.85 3.49
CA SER A 13 -0.66 4.29 3.31
C SER A 13 -2.05 4.29 2.73
N ASP A 14 -2.66 3.17 2.87
CA ASP A 14 -4.02 2.93 2.33
C ASP A 14 -4.90 2.56 3.49
N LEU A 15 -4.39 2.83 4.60
CA LEU A 15 -5.02 2.53 5.87
C LEU A 15 -5.27 3.87 6.54
N GLU A 16 -4.21 4.54 6.78
CA GLU A 16 -4.27 5.87 7.42
C GLU A 16 -5.18 6.75 6.62
N ILE A 17 -5.14 6.54 5.37
CA ILE A 17 -5.92 7.31 4.41
C ILE A 17 -7.37 7.02 4.56
N THR A 18 -7.62 5.87 5.03
CA THR A 18 -9.02 5.36 5.18
C THR A 18 -9.37 5.15 6.65
N LEU A 19 -8.40 5.26 7.49
CA LEU A 19 -8.60 5.09 8.96
C LEU A 19 -8.48 6.48 9.54
N GLU A 20 -8.13 7.36 8.68
CA GLU A 20 -7.98 8.80 9.03
C GLU A 20 -9.10 9.23 9.97
N SER A 1 11.33 -7.88 -7.29
CA SER A 1 10.97 -8.77 -6.16
C SER A 1 9.60 -8.36 -5.60
N ASP A 2 8.97 -7.41 -6.22
CA ASP A 2 7.63 -6.97 -5.73
C ASP A 2 6.88 -6.25 -6.85
N LYS A 3 5.66 -5.85 -6.59
CA LYS A 3 4.84 -5.15 -7.63
C LYS A 3 4.33 -6.18 -8.63
N GLU A 4 4.95 -7.31 -8.64
CA GLU A 4 4.51 -8.42 -9.55
C GLU A 4 3.00 -8.52 -9.49
N VAL A 5 2.49 -9.12 -8.45
CA VAL A 5 1.02 -9.25 -8.30
C VAL A 5 0.50 -7.98 -7.70
N ASP A 6 1.41 -7.10 -7.39
CA ASP A 6 1.11 -5.75 -6.80
C ASP A 6 1.95 -5.55 -5.55
N GLU A 7 1.97 -4.34 -5.07
CA GLU A 7 2.74 -4.01 -3.84
C GLU A 7 1.79 -3.96 -2.65
N VAL A 8 2.35 -4.02 -1.48
CA VAL A 8 1.51 -3.96 -0.24
C VAL A 8 2.22 -3.10 0.79
N ASP A 9 3.35 -2.62 0.43
CA ASP A 9 4.14 -1.76 1.34
C ASP A 9 3.83 -0.32 1.03
N ALA A 10 2.77 -0.14 0.35
CA ALA A 10 2.28 1.21 0.00
C ALA A 10 0.83 1.21 0.42
N ALA A 11 0.35 0.04 0.74
CA ALA A 11 -1.03 -0.14 1.21
C ALA A 11 -1.12 0.34 2.65
N LEU A 12 -0.01 0.30 3.32
CA LEU A 12 0.04 0.75 4.73
C LEU A 12 0.04 2.27 4.76
N SER A 13 0.24 2.87 3.61
CA SER A 13 0.26 4.36 3.52
C SER A 13 -0.94 4.78 2.72
N ASP A 14 -1.76 3.83 2.49
CA ASP A 14 -3.02 3.98 1.71
C ASP A 14 -4.16 3.93 2.68
N LEU A 15 -3.76 3.94 3.87
CA LEU A 15 -4.63 3.85 5.02
C LEU A 15 -4.68 5.23 5.63
N GLU A 16 -3.54 5.68 5.94
CA GLU A 16 -3.37 6.99 6.57
C GLU A 16 -4.16 8.01 5.78
N ILE A 17 -4.20 7.76 4.52
CA ILE A 17 -4.91 8.65 3.57
C ILE A 17 -6.39 8.54 3.73
N THR A 18 -6.80 7.50 4.35
CA THR A 18 -8.26 7.21 4.43
C THR A 18 -8.75 6.94 5.85
N LEU A 19 -7.86 6.72 6.75
CA LEU A 19 -8.26 6.48 8.16
C LEU A 19 -8.16 7.83 8.85
N GLU A 20 -8.11 8.82 8.03
CA GLU A 20 -7.98 10.22 8.48
C GLU A 20 -9.36 10.88 8.50
N SER A 1 1.54 -8.89 -9.32
CA SER A 1 2.24 -10.15 -9.70
C SER A 1 3.38 -10.42 -8.72
N ASP A 2 4.13 -9.41 -8.40
CA ASP A 2 5.27 -9.60 -7.45
C ASP A 2 5.67 -8.25 -6.85
N LYS A 3 6.70 -8.24 -6.04
CA LYS A 3 7.14 -6.98 -5.39
C LYS A 3 8.22 -6.33 -6.26
N GLU A 4 8.97 -5.41 -5.69
CA GLU A 4 10.03 -4.72 -6.45
C GLU A 4 9.36 -3.85 -7.48
N VAL A 5 8.69 -4.47 -8.39
CA VAL A 5 7.95 -3.74 -9.45
C VAL A 5 6.78 -3.06 -8.81
N ASP A 6 6.68 -3.23 -7.53
CA ASP A 6 5.55 -2.62 -6.80
C ASP A 6 5.66 -2.97 -5.32
N GLU A 7 4.80 -2.40 -4.54
CA GLU A 7 4.80 -2.64 -3.08
C GLU A 7 3.37 -2.69 -2.55
N VAL A 8 3.19 -3.27 -1.41
CA VAL A 8 1.82 -3.37 -0.80
C VAL A 8 1.92 -3.00 0.66
N ASP A 9 3.10 -2.71 1.08
CA ASP A 9 3.34 -2.33 2.49
C ASP A 9 3.28 -0.82 2.60
N ALA A 10 2.77 -0.23 1.59
CA ALA A 10 2.61 1.23 1.55
C ALA A 10 1.13 1.44 1.27
N ALA A 11 0.49 0.36 0.94
CA ALA A 11 -0.97 0.38 0.67
C ALA A 11 -1.70 0.46 2.00
N LEU A 12 -1.13 -0.11 3.01
CA LEU A 12 -1.73 -0.08 4.35
C LEU A 12 -1.63 1.34 4.89
N SER A 13 -0.88 2.16 4.19
CA SER A 13 -0.69 3.59 4.62
C SER A 13 -1.31 4.44 3.55
N ASP A 14 -2.15 3.82 2.80
CA ASP A 14 -2.82 4.46 1.66
C ASP A 14 -4.30 4.31 1.86
N LEU A 15 -4.60 3.94 3.03
CA LEU A 15 -5.96 3.68 3.46
C LEU A 15 -6.27 4.68 4.56
N GLU A 16 -5.50 4.60 5.57
CA GLU A 16 -5.63 5.50 6.72
C GLU A 16 -5.53 6.92 6.24
N ILE A 17 -4.74 7.07 5.25
CA ILE A 17 -4.46 8.38 4.67
C ILE A 17 -5.66 8.89 3.93
N THR A 18 -6.42 7.97 3.50
CA THR A 18 -7.62 8.29 2.68
C THR A 18 -8.91 7.93 3.43
N LEU A 19 -8.77 7.21 4.50
CA LEU A 19 -9.94 6.81 5.32
C LEU A 19 -9.96 7.77 6.50
N GLU A 20 -8.90 8.49 6.57
CA GLU A 20 -8.70 9.50 7.63
C GLU A 20 -10.02 10.24 7.89
N SER A 1 8.54 -9.21 -11.07
CA SER A 1 7.23 -9.57 -10.47
C SER A 1 7.15 -9.04 -9.04
N ASP A 2 6.25 -8.13 -8.77
CA ASP A 2 6.14 -7.57 -7.40
C ASP A 2 4.93 -6.64 -7.32
N LYS A 3 4.64 -5.94 -8.39
CA LYS A 3 3.47 -5.02 -8.40
C LYS A 3 2.26 -5.74 -7.81
N GLU A 4 2.33 -7.03 -7.83
CA GLU A 4 1.20 -7.88 -7.28
C GLU A 4 0.59 -7.19 -6.06
N VAL A 5 1.27 -7.27 -4.94
CA VAL A 5 0.77 -6.59 -3.70
C VAL A 5 1.52 -5.30 -3.56
N ASP A 6 2.39 -5.05 -4.47
CA ASP A 6 3.17 -3.81 -4.44
C ASP A 6 4.16 -3.84 -3.27
N GLU A 7 4.80 -2.74 -3.06
CA GLU A 7 5.77 -2.63 -1.96
C GLU A 7 5.03 -2.67 -0.63
N VAL A 8 5.76 -2.66 0.45
CA VAL A 8 5.11 -2.68 1.80
C VAL A 8 5.34 -1.33 2.42
N ASP A 9 6.09 -0.55 1.73
CA ASP A 9 6.40 0.81 2.21
C ASP A 9 5.50 1.77 1.47
N ALA A 10 4.51 1.22 0.90
CA ALA A 10 3.49 1.99 0.18
C ALA A 10 2.16 1.52 0.76
N ALA A 11 2.26 0.47 1.52
CA ALA A 11 1.08 -0.11 2.19
C ALA A 11 0.71 0.79 3.37
N LEU A 12 1.71 1.39 3.95
CA LEU A 12 1.49 2.29 5.09
C LEU A 12 0.81 3.56 4.57
N SER A 13 0.73 3.67 3.27
CA SER A 13 0.09 4.86 2.62
C SER A 13 -1.09 4.35 1.85
N ASP A 14 -1.52 3.20 2.23
CA ASP A 14 -2.63 2.51 1.56
C ASP A 14 -3.67 2.20 2.60
N LEU A 15 -3.47 2.76 3.69
CA LEU A 15 -4.33 2.57 4.85
C LEU A 15 -4.90 3.92 5.20
N GLU A 16 -4.03 4.81 5.53
CA GLU A 16 -4.41 6.18 5.87
C GLU A 16 -5.20 6.76 4.74
N ILE A 17 -4.85 6.34 3.59
CA ILE A 17 -5.47 6.82 2.37
C ILE A 17 -6.88 6.31 2.26
N THR A 18 -7.07 5.20 2.85
CA THR A 18 -8.39 4.51 2.80
C THR A 18 -9.05 4.47 4.16
N LEU A 19 -8.34 4.86 5.17
CA LEU A 19 -8.88 4.88 6.56
C LEU A 19 -9.04 6.34 6.92
N GLU A 20 -8.61 7.13 6.00
CA GLU A 20 -8.68 8.61 6.12
C GLU A 20 -10.01 9.02 6.78
N SER A 1 4.29 -11.15 -3.40
CA SER A 1 5.76 -11.08 -3.32
C SER A 1 6.34 -10.91 -4.73
N ASP A 2 5.85 -9.96 -5.47
CA ASP A 2 6.37 -9.74 -6.86
C ASP A 2 6.25 -8.25 -7.21
N LYS A 3 5.27 -7.58 -6.65
CA LYS A 3 5.09 -6.15 -6.94
C LYS A 3 4.82 -5.92 -8.42
N GLU A 4 5.58 -5.06 -9.02
CA GLU A 4 5.44 -4.72 -10.46
C GLU A 4 4.04 -4.17 -10.70
N VAL A 5 3.08 -5.02 -10.57
CA VAL A 5 1.66 -4.61 -10.76
C VAL A 5 1.24 -3.75 -9.61
N ASP A 6 2.16 -3.44 -8.77
CA ASP A 6 1.83 -2.62 -7.60
C ASP A 6 3.08 -2.31 -6.78
N GLU A 7 2.92 -1.51 -5.78
CA GLU A 7 4.06 -1.11 -4.92
C GLU A 7 3.67 -1.26 -3.45
N VAL A 8 4.64 -1.21 -2.58
CA VAL A 8 4.37 -1.32 -1.11
C VAL A 8 4.48 0.08 -0.56
N ASP A 9 4.80 0.97 -1.40
CA ASP A 9 4.94 2.39 -1.00
C ASP A 9 3.64 3.10 -1.26
N ALA A 10 2.63 2.32 -1.41
CA ALA A 10 1.27 2.84 -1.61
C ALA A 10 0.42 2.12 -0.59
N ALA A 11 1.04 1.14 0.03
CA ALA A 11 0.38 0.35 1.09
C ALA A 11 0.39 1.16 2.37
N LEU A 12 1.29 2.10 2.46
CA LEU A 12 1.40 2.96 3.64
C LEU A 12 0.35 4.06 3.53
N SER A 13 -0.25 4.16 2.38
CA SER A 13 -1.31 5.19 2.15
C SER A 13 -2.61 4.45 1.98
N ASP A 14 -2.54 3.21 2.26
CA ASP A 14 -3.68 2.27 2.16
C ASP A 14 -4.11 1.93 3.55
N LEU A 15 -3.51 2.62 4.41
CA LEU A 15 -3.68 2.48 5.83
C LEU A 15 -4.51 3.66 6.30
N GLU A 16 -4.01 4.79 5.95
CA GLU A 16 -4.66 6.05 6.30
C GLU A 16 -6.12 5.98 5.90
N ILE A 17 -6.32 5.31 4.82
CA ILE A 17 -7.69 5.13 4.27
C ILE A 17 -8.49 4.23 5.13
N THR A 18 -7.84 3.56 5.99
CA THR A 18 -8.54 2.54 6.82
C THR A 18 -8.18 2.63 8.29
N LEU A 19 -7.27 3.48 8.62
CA LEU A 19 -6.87 3.67 10.04
C LEU A 19 -7.72 4.85 10.51
N GLU A 20 -8.64 5.16 9.67
CA GLU A 20 -9.57 6.29 9.90
C GLU A 20 -10.86 5.78 10.54
N SER A 1 10.80 -11.13 -5.37
CA SER A 1 9.69 -10.49 -4.62
C SER A 1 9.46 -9.07 -5.16
N ASP A 2 8.99 -8.96 -6.39
CA ASP A 2 8.75 -7.61 -6.97
C ASP A 2 7.31 -7.19 -6.72
N LYS A 3 6.87 -6.18 -7.40
CA LYS A 3 5.48 -5.68 -7.23
C LYS A 3 4.55 -6.39 -8.22
N GLU A 4 3.48 -5.73 -8.62
CA GLU A 4 2.51 -6.33 -9.57
C GLU A 4 1.90 -7.54 -8.90
N VAL A 5 2.70 -8.55 -8.76
CA VAL A 5 2.24 -9.78 -8.08
C VAL A 5 1.88 -9.43 -6.67
N ASP A 6 2.15 -8.22 -6.31
CA ASP A 6 1.85 -7.77 -4.94
C ASP A 6 2.25 -6.31 -4.77
N GLU A 7 1.84 -5.74 -3.68
CA GLU A 7 2.14 -4.33 -3.40
C GLU A 7 2.35 -4.13 -1.90
N VAL A 8 3.04 -3.10 -1.53
CA VAL A 8 3.28 -2.82 -0.08
C VAL A 8 3.56 -1.35 0.11
N ASP A 9 3.90 -0.71 -0.93
CA ASP A 9 4.20 0.74 -0.86
C ASP A 9 2.94 1.50 -1.20
N ALA A 10 1.89 0.80 -1.14
CA ALA A 10 0.56 1.38 -1.40
C ALA A 10 -0.23 1.12 -0.12
N ALA A 11 0.29 0.24 0.68
CA ALA A 11 -0.32 -0.11 1.98
C ALA A 11 -0.17 1.07 2.93
N LEU A 12 0.87 1.83 2.72
CA LEU A 12 1.13 3.01 3.56
C LEU A 12 0.21 4.13 3.11
N SER A 13 -0.44 3.93 2.00
CA SER A 13 -1.39 4.96 1.46
C SER A 13 -2.77 4.37 1.51
N ASP A 14 -2.83 3.29 2.19
CA ASP A 14 -4.09 2.51 2.38
C ASP A 14 -4.52 2.70 3.80
N LEU A 15 -3.82 3.55 4.40
CA LEU A 15 -3.97 3.89 5.78
C LEU A 15 -4.62 5.26 5.82
N GLU A 16 -4.01 6.16 5.15
CA GLU A 16 -4.51 7.53 5.08
C GLU A 16 -5.97 7.50 4.69
N ILE A 17 -6.27 6.54 3.88
CA ILE A 17 -7.65 6.36 3.39
C ILE A 17 -8.55 5.93 4.50
N THR A 18 -7.96 5.48 5.54
CA THR A 18 -8.76 4.91 6.65
C THR A 18 -8.35 5.46 8.01
N LEU A 19 -7.33 6.22 8.05
CA LEU A 19 -6.87 6.85 9.33
C LEU A 19 -7.44 8.25 9.31
N GLU A 20 -8.29 8.43 8.38
CA GLU A 20 -8.97 9.73 8.15
C GLU A 20 -10.23 9.80 9.01
N SER A 1 7.37 -3.18 -6.67
CA SER A 1 7.64 -2.96 -8.13
C SER A 1 7.08 -4.14 -8.93
N ASP A 2 6.47 -5.09 -8.26
CA ASP A 2 5.91 -6.26 -8.99
C ASP A 2 4.93 -7.00 -8.08
N LYS A 3 4.37 -8.08 -8.57
CA LYS A 3 3.39 -8.85 -7.76
C LYS A 3 4.10 -9.95 -6.98
N GLU A 4 3.37 -10.93 -6.52
CA GLU A 4 3.95 -12.05 -5.76
C GLU A 4 4.49 -11.51 -4.44
N VAL A 5 5.49 -10.70 -4.54
CA VAL A 5 6.11 -10.11 -3.32
C VAL A 5 5.37 -8.85 -2.96
N ASP A 6 5.03 -8.14 -3.95
CA ASP A 6 4.29 -6.90 -3.75
C ASP A 6 5.06 -5.94 -2.86
N GLU A 7 4.45 -4.86 -2.52
CA GLU A 7 5.08 -3.83 -1.67
C GLU A 7 4.23 -3.58 -0.43
N VAL A 8 4.81 -2.97 0.56
CA VAL A 8 4.06 -2.68 1.82
C VAL A 8 4.32 -1.23 2.20
N ASP A 9 5.10 -0.58 1.40
CA ASP A 9 5.42 0.84 1.65
C ASP A 9 4.45 1.70 0.89
N ALA A 10 3.42 1.09 0.45
CA ALA A 10 2.35 1.78 -0.28
C ALA A 10 1.08 1.46 0.49
N ALA A 11 1.22 0.53 1.39
CA ALA A 11 0.10 0.11 2.25
C ALA A 11 -0.12 1.17 3.31
N LEU A 12 0.94 1.82 3.70
CA LEU A 12 0.86 2.89 4.71
C LEU A 12 0.17 4.08 4.07
N SER A 13 -0.01 4.03 2.78
CA SER A 13 -0.68 5.14 2.04
C SER A 13 -1.96 4.59 1.48
N ASP A 14 -2.36 3.52 2.06
CA ASP A 14 -3.56 2.80 1.63
C ASP A 14 -4.50 2.70 2.80
N LEU A 15 -4.17 3.46 3.74
CA LEU A 15 -4.87 3.51 5.01
C LEU A 15 -5.41 4.93 5.14
N GLU A 16 -4.51 5.83 5.21
CA GLU A 16 -4.85 7.25 5.32
C GLU A 16 -5.78 7.62 4.19
N ILE A 17 -5.57 6.96 3.12
CA ILE A 17 -6.34 7.21 1.92
C ILE A 17 -7.75 6.69 2.06
N THR A 18 -7.87 5.75 2.90
CA THR A 18 -9.17 5.07 3.11
C THR A 18 -9.72 5.30 4.52
N LEU A 19 -8.92 5.79 5.38
CA LEU A 19 -9.36 6.06 6.77
C LEU A 19 -9.98 7.42 6.72
N GLU A 20 -9.44 8.16 5.84
CA GLU A 20 -9.90 9.54 5.58
C GLU A 20 -11.43 9.57 5.45
N SER A 1 10.12 -6.78 -10.43
CA SER A 1 8.73 -6.99 -10.94
C SER A 1 7.74 -6.86 -9.78
N ASP A 2 7.91 -7.63 -8.75
CA ASP A 2 6.98 -7.55 -7.59
C ASP A 2 5.53 -7.66 -8.10
N LYS A 3 4.66 -6.84 -7.58
CA LYS A 3 3.23 -6.87 -8.00
C LYS A 3 2.55 -8.10 -7.41
N GLU A 4 3.30 -9.12 -7.16
CA GLU A 4 2.73 -10.37 -6.55
C GLU A 4 1.79 -9.96 -5.43
N VAL A 5 2.33 -9.70 -4.26
CA VAL A 5 1.49 -9.25 -3.13
C VAL A 5 1.51 -7.75 -3.13
N ASP A 6 2.11 -7.23 -4.15
CA ASP A 6 2.21 -5.77 -4.30
C ASP A 6 3.28 -5.19 -3.38
N GLU A 7 3.44 -3.92 -3.42
CA GLU A 7 4.45 -3.25 -2.58
C GLU A 7 3.89 -3.00 -1.19
N VAL A 8 4.73 -2.61 -0.29
CA VAL A 8 4.29 -2.33 1.11
C VAL A 8 4.70 -0.92 1.45
N ASP A 9 5.39 -0.32 0.55
CA ASP A 9 5.85 1.07 0.74
C ASP A 9 4.89 2.00 0.05
N ALA A 10 3.75 1.47 -0.20
CA ALA A 10 2.65 2.23 -0.82
C ALA A 10 1.43 1.87 0.01
N ALA A 11 1.64 0.88 0.83
CA ALA A 11 0.59 0.40 1.75
C ALA A 11 0.46 1.42 2.87
N LEU A 12 1.57 2.00 3.24
CA LEU A 12 1.59 3.03 4.30
C LEU A 12 0.84 4.26 3.80
N SER A 13 0.51 4.25 2.55
CA SER A 13 -0.24 5.40 1.93
C SER A 13 -1.55 4.86 1.44
N ASP A 14 -1.91 3.76 1.99
CA ASP A 14 -3.14 3.04 1.61
C ASP A 14 -3.95 2.84 2.86
N LEU A 15 -3.49 3.45 3.85
CA LEU A 15 -4.07 3.39 5.16
C LEU A 15 -4.61 4.77 5.44
N GLU A 16 -3.72 5.68 5.44
CA GLU A 16 -4.07 7.06 5.72
C GLU A 16 -5.19 7.49 4.82
N ILE A 17 -5.13 6.98 3.65
CA ILE A 17 -6.08 7.31 2.60
C ILE A 17 -7.43 6.76 2.92
N THR A 18 -7.42 5.74 3.65
CA THR A 18 -8.66 4.99 4.01
C THR A 18 -9.00 5.11 5.49
N LEU A 19 -8.05 5.53 6.27
CA LEU A 19 -8.26 5.68 7.73
C LEU A 19 -8.50 7.16 7.96
N GLU A 20 -8.31 7.87 6.91
CA GLU A 20 -8.49 9.33 6.91
C GLU A 20 -9.74 9.71 7.71
N SER A 1 8.74 -10.82 -3.10
CA SER A 1 9.88 -10.05 -3.67
C SER A 1 9.58 -9.69 -5.12
N ASP A 2 10.36 -8.82 -5.72
CA ASP A 2 10.12 -8.43 -7.13
C ASP A 2 8.67 -7.96 -7.29
N LYS A 3 8.22 -7.82 -8.49
CA LYS A 3 6.83 -7.35 -8.73
C LYS A 3 5.90 -8.52 -8.93
N GLU A 4 4.82 -8.49 -8.21
CA GLU A 4 3.77 -9.53 -8.28
C GLU A 4 2.45 -8.81 -8.21
N VAL A 5 2.24 -8.15 -7.11
CA VAL A 5 1.01 -7.34 -6.91
C VAL A 5 1.41 -5.90 -7.02
N ASP A 6 2.59 -5.66 -6.59
CA ASP A 6 3.13 -4.31 -6.65
C ASP A 6 2.19 -3.33 -5.99
N GLU A 7 2.36 -2.07 -6.28
CA GLU A 7 1.47 -1.05 -5.68
C GLU A 7 1.38 -1.25 -4.18
N VAL A 8 2.39 -1.81 -3.59
CA VAL A 8 2.38 -2.01 -2.11
C VAL A 8 2.77 -0.69 -1.51
N ASP A 9 3.06 0.20 -2.37
CA ASP A 9 3.46 1.56 -1.96
C ASP A 9 2.24 2.43 -2.00
N ALA A 10 1.14 1.78 -2.09
CA ALA A 10 -0.17 2.45 -2.10
C ALA A 10 -0.92 1.88 -0.92
N ALA A 11 -0.37 0.83 -0.39
CA ALA A 11 -0.95 0.15 0.80
C ALA A 11 -0.65 0.99 2.04
N LEU A 12 0.40 1.75 1.97
CA LEU A 12 0.79 2.60 3.10
C LEU A 12 -0.08 3.86 3.06
N SER A 13 -0.79 4.02 1.98
CA SER A 13 -1.68 5.21 1.82
C SER A 13 -3.11 4.71 1.86
N ASP A 14 -3.20 3.48 2.22
CA ASP A 14 -4.48 2.76 2.33
C ASP A 14 -4.78 2.57 3.78
N LEU A 15 -3.96 3.17 4.51
CA LEU A 15 -3.98 3.14 5.95
C LEU A 15 -4.50 4.47 6.43
N GLU A 16 -3.88 5.47 5.92
CA GLU A 16 -4.22 6.85 6.27
C GLU A 16 -5.71 7.02 6.06
N ILE A 17 -6.18 6.34 5.08
CA ILE A 17 -7.61 6.40 4.71
C ILE A 17 -8.44 5.73 5.75
N THR A 18 -7.80 4.98 6.57
CA THR A 18 -8.55 4.17 7.56
C THR A 18 -7.97 4.26 8.97
N LEU A 19 -6.87 4.92 9.10
CA LEU A 19 -6.24 5.10 10.43
C LEU A 19 -6.63 6.50 10.86
N GLU A 20 -7.56 7.01 10.13
CA GLU A 20 -8.09 8.38 10.35
C GLU A 20 -9.24 8.32 11.36
N SER A 1 9.88 -12.81 -6.89
CA SER A 1 9.86 -11.44 -7.48
C SER A 1 8.58 -10.73 -7.08
N ASP A 2 8.31 -10.66 -5.79
CA ASP A 2 7.08 -9.97 -5.33
C ASP A 2 7.05 -8.55 -5.86
N LYS A 3 6.04 -7.79 -5.52
CA LYS A 3 5.95 -6.37 -6.02
C LYS A 3 5.61 -6.40 -7.50
N GLU A 4 5.66 -7.54 -8.07
CA GLU A 4 5.34 -7.70 -9.51
C GLU A 4 4.08 -6.90 -9.86
N VAL A 5 2.92 -7.47 -9.61
CA VAL A 5 1.64 -6.76 -9.93
C VAL A 5 1.06 -6.19 -8.67
N ASP A 6 1.89 -5.60 -7.91
CA ASP A 6 1.42 -5.03 -6.64
C ASP A 6 2.50 -4.17 -5.98
N GLU A 7 2.10 -3.48 -4.96
CA GLU A 7 3.03 -2.58 -4.23
C GLU A 7 2.69 -2.62 -2.75
N VAL A 8 3.63 -2.23 -1.92
CA VAL A 8 3.39 -2.22 -0.45
C VAL A 8 3.80 -0.86 0.09
N ASP A 9 4.29 -0.05 -0.76
CA ASP A 9 4.73 1.31 -0.36
C ASP A 9 3.62 2.28 -0.69
N ALA A 10 2.49 1.73 -0.91
CA ALA A 10 1.28 2.54 -1.20
C ALA A 10 0.24 2.05 -0.21
N ALA A 11 0.58 0.97 0.44
CA ALA A 11 -0.29 0.36 1.47
C ALA A 11 -0.18 1.20 2.75
N LEU A 12 0.92 1.88 2.89
CA LEU A 12 1.13 2.73 4.08
C LEU A 12 0.37 4.03 3.89
N SER A 13 -0.12 4.24 2.70
CA SER A 13 -0.90 5.48 2.39
C SER A 13 -2.32 5.06 2.13
N ASP A 14 -2.56 3.83 2.41
CA ASP A 14 -3.87 3.18 2.22
C ASP A 14 -4.48 2.98 3.57
N LEU A 15 -3.84 3.59 4.47
CA LEU A 15 -4.17 3.51 5.87
C LEU A 15 -4.77 4.85 6.24
N GLU A 16 -3.98 5.84 6.01
CA GLU A 16 -4.37 7.21 6.31
C GLU A 16 -5.75 7.47 5.76
N ILE A 17 -6.01 6.81 4.68
CA ILE A 17 -7.30 6.96 3.98
C ILE A 17 -8.39 6.26 4.74
N THR A 18 -8.00 5.41 5.61
CA THR A 18 -9.00 4.55 6.30
C THR A 18 -8.83 4.54 7.81
N LEU A 19 -7.76 5.05 8.29
CA LEU A 19 -7.52 5.11 9.75
C LEU A 19 -8.00 6.49 10.18
N GLU A 20 -8.72 7.07 9.30
CA GLU A 20 -9.26 8.43 9.49
C GLU A 20 -10.72 8.34 9.95
N SER A 1 10.33 -4.20 -10.11
CA SER A 1 9.12 -3.74 -9.38
C SER A 1 7.90 -4.52 -9.88
N ASP A 2 6.99 -4.84 -8.99
CA ASP A 2 5.77 -5.60 -9.41
C ASP A 2 4.74 -5.56 -8.29
N LYS A 3 3.86 -6.53 -8.24
CA LYS A 3 2.80 -6.56 -7.18
C LYS A 3 2.89 -7.90 -6.44
N GLU A 4 1.86 -8.25 -5.72
CA GLU A 4 1.83 -9.52 -4.98
C GLU A 4 2.86 -9.48 -3.86
N VAL A 5 4.09 -9.36 -4.25
CA VAL A 5 5.21 -9.31 -3.25
C VAL A 5 5.97 -8.04 -3.42
N ASP A 6 5.25 -6.99 -3.44
CA ASP A 6 5.87 -5.68 -3.62
C ASP A 6 4.86 -4.57 -3.39
N GLU A 7 5.32 -3.36 -3.38
CA GLU A 7 4.41 -2.22 -3.15
C GLU A 7 3.52 -2.49 -1.95
N VAL A 8 3.94 -3.38 -1.10
CA VAL A 8 3.14 -3.68 0.12
C VAL A 8 3.53 -2.64 1.14
N ASP A 9 4.50 -1.89 0.76
CA ASP A 9 5.01 -0.81 1.60
C ASP A 9 4.34 0.45 1.14
N ALA A 10 3.34 0.27 0.38
CA ALA A 10 2.54 1.37 -0.14
C ALA A 10 1.14 1.15 0.39
N ALA A 11 0.94 -0.03 0.89
CA ALA A 11 -0.35 -0.43 1.49
C ALA A 11 -0.50 0.28 2.84
N LEU A 12 0.58 0.42 3.53
CA LEU A 12 0.56 1.09 4.84
C LEU A 12 0.27 2.57 4.61
N SER A 13 0.30 2.97 3.36
CA SER A 13 0.03 4.39 3.01
C SER A 13 -1.24 4.41 2.19
N ASP A 14 -1.96 3.36 2.34
CA ASP A 14 -3.22 3.16 1.59
C ASP A 14 -4.32 2.93 2.57
N LEU A 15 -3.99 3.23 3.75
CA LEU A 15 -4.88 3.04 4.89
C LEU A 15 -5.10 4.42 5.48
N GLU A 16 -4.03 4.99 5.91
CA GLU A 16 -4.07 6.34 6.49
C GLU A 16 -4.68 7.28 5.51
N ILE A 17 -4.44 6.99 4.29
CA ILE A 17 -4.92 7.82 3.20
C ILE A 17 -6.40 7.69 3.05
N THR A 18 -6.87 6.59 3.44
CA THR A 18 -8.31 6.25 3.32
C THR A 18 -8.98 6.16 4.69
N LEU A 19 -8.20 6.18 5.71
CA LEU A 19 -8.71 6.11 7.11
C LEU A 19 -8.53 7.49 7.69
N GLU A 20 -7.90 8.29 6.90
CA GLU A 20 -7.62 9.71 7.24
C GLU A 20 -8.84 10.32 7.96
N SER A 1 12.50 -5.96 -7.09
CA SER A 1 11.15 -6.20 -7.72
C SER A 1 10.07 -6.09 -6.63
N ASP A 2 10.16 -6.90 -5.60
CA ASP A 2 9.14 -6.85 -4.53
C ASP A 2 7.75 -7.10 -5.11
N LYS A 3 6.78 -6.39 -4.62
CA LYS A 3 5.40 -6.59 -5.12
C LYS A 3 5.14 -5.73 -6.35
N GLU A 4 4.82 -6.43 -7.40
CA GLU A 4 4.52 -5.78 -8.71
C GLU A 4 3.13 -6.26 -9.11
N VAL A 5 2.99 -7.55 -9.17
CA VAL A 5 1.69 -8.16 -9.51
C VAL A 5 0.77 -8.05 -8.34
N ASP A 6 1.12 -7.20 -7.46
CA ASP A 6 0.28 -7.06 -6.26
C ASP A 6 0.56 -5.72 -5.60
N GLU A 7 1.74 -5.28 -5.75
CA GLU A 7 2.15 -3.97 -5.19
C GLU A 7 1.86 -3.88 -3.69
N VAL A 8 2.65 -3.11 -3.00
CA VAL A 8 2.45 -2.93 -1.53
C VAL A 8 2.83 -1.50 -1.16
N ASP A 9 3.22 -0.76 -2.11
CA ASP A 9 3.62 0.65 -1.87
C ASP A 9 2.40 1.54 -2.05
N ALA A 10 1.29 0.94 -2.06
CA ALA A 10 0.02 1.66 -2.19
C ALA A 10 -0.77 1.32 -0.94
N ALA A 11 -0.27 0.34 -0.23
CA ALA A 11 -0.89 -0.11 1.03
C ALA A 11 -0.55 0.91 2.12
N LEU A 12 0.61 1.47 2.02
CA LEU A 12 1.04 2.49 3.01
C LEU A 12 0.21 3.74 2.79
N SER A 13 -0.52 3.76 1.70
CA SER A 13 -1.39 4.93 1.37
C SER A 13 -2.82 4.45 1.44
N ASP A 14 -2.97 3.38 2.12
CA ASP A 14 -4.28 2.73 2.26
C ASP A 14 -4.59 2.59 3.72
N LEU A 15 -3.83 3.30 4.44
CA LEU A 15 -3.90 3.28 5.90
C LEU A 15 -4.22 4.71 6.32
N GLU A 16 -3.33 5.57 5.97
CA GLU A 16 -3.47 7.00 6.28
C GLU A 16 -4.76 7.50 5.70
N ILE A 17 -5.14 6.87 4.66
CA ILE A 17 -6.33 7.23 3.92
C ILE A 17 -7.57 6.76 4.64
N THR A 18 -7.36 5.81 5.44
CA THR A 18 -8.47 5.14 6.19
C THR A 18 -8.31 5.27 7.71
N LEU A 19 -7.18 5.69 8.14
CA LEU A 19 -6.93 5.86 9.61
C LEU A 19 -7.25 7.31 9.90
N GLU A 20 -7.96 7.86 8.98
CA GLU A 20 -8.35 9.29 9.03
C GLU A 20 -9.85 9.40 9.30
N SER A 1 5.60 -3.72 -10.66
CA SER A 1 6.23 -4.97 -11.15
C SER A 1 5.40 -6.18 -10.72
N ASP A 2 4.98 -6.21 -9.49
CA ASP A 2 4.16 -7.37 -9.00
C ASP A 2 3.34 -6.93 -7.79
N LYS A 3 3.89 -6.09 -6.96
CA LYS A 3 3.15 -5.61 -5.77
C LYS A 3 2.78 -6.78 -4.86
N GLU A 4 1.52 -6.83 -4.49
CA GLU A 4 0.96 -7.90 -3.62
C GLU A 4 2.05 -8.57 -2.77
N VAL A 5 2.79 -9.42 -3.39
CA VAL A 5 3.88 -10.15 -2.68
C VAL A 5 5.15 -9.34 -2.69
N ASP A 6 5.00 -8.06 -2.68
CA ASP A 6 6.20 -7.21 -2.73
C ASP A 6 5.84 -5.76 -2.46
N GLU A 7 6.83 -4.92 -2.43
CA GLU A 7 6.59 -3.50 -2.17
C GLU A 7 5.92 -3.31 -0.81
N VAL A 8 6.21 -2.24 -0.15
CA VAL A 8 5.60 -1.96 1.18
C VAL A 8 5.52 -0.47 1.42
N ASP A 9 6.03 0.28 0.52
CA ASP A 9 6.00 1.76 0.66
C ASP A 9 4.78 2.29 -0.02
N ALA A 10 3.89 1.42 -0.29
CA ALA A 10 2.60 1.77 -0.93
C ALA A 10 1.54 1.34 0.05
N ALA A 11 1.97 0.59 1.03
CA ALA A 11 1.07 0.09 2.10
C ALA A 11 0.78 1.24 3.06
N LEU A 12 1.74 2.08 3.25
CA LEU A 12 1.56 3.23 4.14
C LEU A 12 0.60 4.21 3.48
N SER A 13 0.29 3.94 2.24
CA SER A 13 -0.66 4.81 1.46
C SER A 13 -1.87 3.97 1.15
N ASP A 14 -2.01 2.96 1.92
CA ASP A 14 -3.10 1.98 1.73
C ASP A 14 -3.85 1.86 3.02
N LEU A 15 -3.55 2.76 3.85
CA LEU A 15 -4.12 2.83 5.19
C LEU A 15 -4.85 4.16 5.28
N GLU A 16 -4.09 5.18 5.14
CA GLU A 16 -4.62 6.54 5.19
C GLU A 16 -5.71 6.68 4.15
N ILE A 17 -5.52 5.97 3.11
CA ILE A 17 -6.44 5.99 1.98
C ILE A 17 -7.73 5.33 2.34
N THR A 18 -7.61 4.43 3.23
CA THR A 18 -8.77 3.61 3.67
C THR A 18 -9.16 3.91 5.11
N LEU A 19 -8.34 4.65 5.78
CA LEU A 19 -8.61 5.03 7.20
C LEU A 19 -8.95 6.51 7.16
N GLU A 20 -8.85 7.03 5.99
CA GLU A 20 -9.16 8.45 5.72
C GLU A 20 -10.41 8.88 6.51
#